data_1KKW
#
_entry.id   1KKW
#
_entity_poly.entity_id   1
_entity_poly.type   'polydeoxyribonucleotide'
_entity_poly.pdbx_seq_one_letter_code
;(DC)(DC)(DA)(DT)(DG)(DC)(DG)(DT)(DG)(DG)
;
_entity_poly.pdbx_strand_id   A,B
#
loop_
_chem_comp.id
_chem_comp.type
_chem_comp.name
_chem_comp.formula
DA DNA linking 2'-DEOXYADENOSINE-5'-MONOPHOSPHATE 'C10 H14 N5 O6 P'
DC DNA linking 2'-DEOXYCYTIDINE-5'-MONOPHOSPHATE 'C9 H14 N3 O7 P'
DG DNA linking 2'-DEOXYGUANOSINE-5'-MONOPHOSPHATE 'C10 H14 N5 O7 P'
DT DNA linking THYMIDINE-5'-MONOPHOSPHATE 'C10 H15 N2 O8 P'
#